data_2ILN
#
_entry.id   2ILN
#
_cell.length_a   54.470
_cell.length_b   54.470
_cell.length_c   180.080
_cell.angle_alpha   90.00
_cell.angle_beta   90.00
_cell.angle_gamma   90.00
#
_symmetry.space_group_name_H-M   'P 41'
#
loop_
_entity.id
_entity.type
_entity.pdbx_description
1 polymer 'Cationic trypsin'
2 polymer 'Bowman-Birk type proteinase inhibitor'
3 water water
#
loop_
_entity_poly.entity_id
_entity_poly.type
_entity_poly.pdbx_seq_one_letter_code
_entity_poly.pdbx_strand_id
1 'polypeptide(L)'
;IVGGYTCGANTVPYQVSLNSGYHFCGGSLINSQWVVSAAHCYKSGIQVRLGEDNINVVEGNEQFISASKSIVHPSYNSNT
LNNDIMLIKLKSAASLNSRVASISLPTSCASAGTQCLISGWGNTKSSGTSYPDVLKCLKAPILSDSSCKSAYPGQITSNM
FCAGYLEGGKDSCQGDSGGPVVCSGKLQGIVSWGSGCAQKNKPGVYTKVCNYVSWIKQTIASN
;
A,B
2 'polypeptide(L)' TKSTTTACCDFCPCTRSIPPQCQCTDVREKCHSACKSCLCTRSFPPQCRCYDITDFCYPSCS I
#
# COMPACT_ATOMS: atom_id res chain seq x y z
N ILE A 1 18.20 18.73 3.35
CA ILE A 1 19.17 18.20 2.36
C ILE A 1 20.45 17.73 3.06
N VAL A 2 20.71 16.42 2.97
CA VAL A 2 21.93 15.81 3.49
C VAL A 2 22.92 15.66 2.33
N GLY A 3 24.15 16.16 2.51
CA GLY A 3 25.20 16.02 1.49
C GLY A 3 25.13 17.03 0.35
N GLY A 4 24.36 18.09 0.57
CA GLY A 4 24.19 19.12 -0.44
C GLY A 4 25.15 20.27 -0.27
N TYR A 5 24.79 21.40 -0.85
CA TYR A 5 25.60 22.61 -0.83
C TYR A 5 24.66 23.79 -0.74
N THR A 6 25.16 24.88 -0.17
CA THR A 6 24.43 26.15 -0.06
C THR A 6 24.12 26.68 -1.46
N CYS A 7 22.83 26.77 -1.78
CA CYS A 7 22.35 27.14 -3.11
C CYS A 7 22.89 28.46 -3.61
N GLY A 8 22.89 29.46 -2.74
CA GLY A 8 23.13 30.86 -3.13
C GLY A 8 21.80 31.56 -3.07
N ALA A 9 21.79 32.77 -2.50
CA ALA A 9 20.56 33.49 -2.22
C ALA A 9 19.72 33.67 -3.48
N ASN A 10 18.50 33.12 -3.43
CA ASN A 10 17.51 33.30 -4.49
C ASN A 10 17.85 32.67 -5.86
N THR A 11 18.76 31.70 -5.86
CA THR A 11 19.14 30.97 -7.06
C THR A 11 18.09 29.91 -7.42
N VAL A 12 17.22 29.61 -6.46
CA VAL A 12 16.08 28.71 -6.68
C VAL A 12 14.79 29.48 -6.41
N PRO A 13 14.34 30.27 -7.41
CA PRO A 13 13.32 31.29 -7.17
C PRO A 13 11.89 30.79 -7.03
N TYR A 14 11.65 29.55 -7.43
CA TYR A 14 10.34 28.88 -7.35
C TYR A 14 10.13 28.18 -6.00
N GLN A 15 11.20 28.04 -5.24
CA GLN A 15 11.15 27.44 -3.91
C GLN A 15 10.45 28.33 -2.90
N VAL A 16 9.48 27.75 -2.19
CA VAL A 16 8.81 28.42 -1.08
C VAL A 16 8.90 27.67 0.25
N SER A 17 8.77 28.43 1.32
CA SER A 17 8.74 27.86 2.67
C SER A 17 7.29 27.94 3.13
N LEU A 18 6.76 26.83 3.63
CA LEU A 18 5.43 26.84 4.25
C LEU A 18 5.59 27.00 5.76
N ASN A 19 4.91 28.01 6.29
CA ASN A 19 5.08 28.44 7.68
C ASN A 19 3.74 28.42 8.42
N SER A 20 3.72 27.82 9.60
CA SER A 20 2.56 27.94 10.49
C SER A 20 3.05 28.36 11.86
N GLY A 21 3.96 29.34 11.88
CA GLY A 21 4.63 29.71 13.13
C GLY A 21 6.07 29.26 13.12
N TYR A 22 6.37 28.32 12.22
CA TYR A 22 7.71 27.78 11.98
C TYR A 22 7.63 27.18 10.58
N HIS A 23 8.78 27.04 9.92
CA HIS A 23 8.89 26.26 8.69
C HIS A 23 8.55 24.77 8.96
N PHE A 24 7.58 24.23 8.22
CA PHE A 24 7.20 22.82 8.40
C PHE A 24 7.34 21.97 7.14
N CYS A 25 7.23 22.62 5.99
CA CYS A 25 7.38 21.96 4.69
C CYS A 25 7.83 22.98 3.66
N GLY A 26 8.22 22.48 2.49
CA GLY A 26 8.50 23.29 1.32
C GLY A 26 7.39 23.23 0.29
N GLY A 27 7.61 23.93 -0.82
CA GLY A 27 6.64 23.96 -1.92
C GLY A 27 7.25 24.59 -3.15
N SER A 28 6.50 24.54 -4.25
CA SER A 28 6.94 25.11 -5.52
C SER A 28 5.90 26.04 -6.11
N LEU A 29 6.32 27.27 -6.40
CA LEU A 29 5.48 28.26 -7.06
C LEU A 29 5.36 27.94 -8.54
N ILE A 30 4.14 27.71 -9.00
CA ILE A 30 3.94 27.30 -10.39
C ILE A 30 3.27 28.39 -11.24
N ASN A 31 2.62 29.33 -10.56
CA ASN A 31 2.21 30.59 -11.14
C ASN A 31 2.10 31.62 -10.01
N SER A 32 1.67 32.84 -10.31
CA SER A 32 1.64 33.92 -9.31
C SER A 32 0.68 33.69 -8.14
N GLN A 33 -0.25 32.74 -8.30
CA GLN A 33 -1.32 32.48 -7.33
C GLN A 33 -1.35 31.07 -6.73
N TRP A 34 -0.51 30.16 -7.22
CA TRP A 34 -0.57 28.75 -6.78
C TRP A 34 0.76 28.10 -6.43
N VAL A 35 0.77 27.38 -5.31
CA VAL A 35 1.92 26.60 -4.85
C VAL A 35 1.62 25.09 -4.94
N VAL A 36 2.63 24.30 -5.31
CA VAL A 36 2.54 22.83 -5.28
C VAL A 36 3.37 22.31 -4.12
N SER A 37 2.72 21.55 -3.24
CA SER A 37 3.38 20.93 -2.10
C SER A 37 2.97 19.45 -1.99
N ALA A 38 3.30 18.80 -0.88
CA ALA A 38 2.86 17.42 -0.66
C ALA A 38 1.55 17.44 0.08
N ALA A 39 0.71 16.41 -0.12
CA ALA A 39 -0.56 16.30 0.61
C ALA A 39 -0.37 16.07 2.11
N HIS A 40 0.64 15.30 2.48
CA HIS A 40 0.97 15.09 3.89
C HIS A 40 1.42 16.40 4.59
N CYS A 41 1.69 17.45 3.81
CA CYS A 41 2.04 18.77 4.39
C CYS A 41 0.80 19.58 4.72
N TYR A 42 -0.38 19.03 4.42
CA TYR A 42 -1.61 19.72 4.72
C TYR A 42 -1.66 20.15 6.17
N LYS A 43 -2.09 21.39 6.36
CA LYS A 43 -2.15 22.01 7.65
C LYS A 43 -3.09 23.19 7.45
N SER A 44 -3.86 23.51 8.50
CA SER A 44 -4.62 24.77 8.52
C SER A 44 -3.69 25.94 8.92
N GLY A 45 -4.09 27.17 8.57
CA GLY A 45 -3.31 28.38 8.87
C GLY A 45 -1.92 28.46 8.26
N ILE A 46 -1.85 28.20 6.96
CA ILE A 46 -0.58 28.22 6.23
C ILE A 46 -0.26 29.62 5.68
N GLN A 47 0.98 30.05 5.91
CA GLN A 47 1.53 31.21 5.23
C GLN A 47 2.62 30.78 4.26
N VAL A 48 2.52 31.24 3.02
CA VAL A 48 3.53 30.93 2.03
C VAL A 48 4.62 31.99 2.08
N ARG A 49 5.86 31.56 2.19
CA ARG A 49 6.99 32.48 2.18
C ARG A 49 7.82 32.30 0.93
N LEU A 50 7.81 33.35 0.10
CA LEU A 50 8.47 33.35 -1.19
C LEU A 50 9.68 34.25 -1.12
N GLY A 51 10.66 34.01 -1.99
CA GLY A 51 11.85 34.87 -2.05
C GLY A 51 12.80 34.68 -0.90
N GLU A 52 12.68 33.59 -0.17
CA GLU A 52 13.54 33.31 0.97
C GLU A 52 14.94 32.86 0.60
N ASP A 53 15.91 33.20 1.46
CA ASP A 53 17.16 32.42 1.55
C ASP A 53 17.36 31.92 2.99
N ASN A 54 17.77 32.79 3.90
CA ASN A 54 17.73 32.47 5.33
C ASN A 54 16.28 32.66 5.83
N ILE A 55 15.64 31.56 6.23
CA ILE A 55 14.24 31.60 6.70
C ILE A 55 14.09 32.22 8.09
N ASN A 56 15.21 32.52 8.73
CA ASN A 56 15.16 33.17 10.03
C ASN A 56 15.47 34.67 9.99
N VAL A 57 15.79 35.16 8.80
CA VAL A 57 16.12 36.57 8.61
C VAL A 57 15.33 37.15 7.44
N VAL A 58 14.72 38.30 7.67
CA VAL A 58 14.14 39.12 6.61
C VAL A 58 15.28 39.84 5.90
N GLU A 59 15.50 39.46 4.65
CA GLU A 59 16.66 39.91 3.90
C GLU A 59 16.31 40.90 2.78
N GLY A 60 15.02 41.12 2.55
CA GLY A 60 14.58 42.22 1.68
C GLY A 60 13.94 41.88 0.36
N ASN A 61 13.93 40.60 0.00
CA ASN A 61 13.28 40.15 -1.23
C ASN A 61 12.11 39.21 -0.98
N GLU A 62 11.79 38.96 0.29
CA GLU A 62 10.69 38.04 0.63
C GLU A 62 9.32 38.60 0.28
N GLN A 63 8.39 37.70 -0.01
CA GLN A 63 6.97 37.99 -0.04
C GLN A 63 6.24 36.96 0.79
N PHE A 64 5.52 37.42 1.82
CA PHE A 64 4.73 36.55 2.67
C PHE A 64 3.25 36.68 2.30
N ILE A 65 2.66 35.57 1.87
CA ILE A 65 1.26 35.56 1.48
C ILE A 65 0.56 34.37 2.12
N SER A 66 -0.56 34.63 2.79
CA SER A 66 -1.35 33.57 3.41
C SER A 66 -2.05 32.72 2.33
N ALA A 67 -2.28 31.45 2.65
CA ALA A 67 -3.02 30.56 1.76
C ALA A 67 -4.50 30.88 1.88
N SER A 68 -5.15 31.15 0.75
CA SER A 68 -6.60 31.36 0.77
C SER A 68 -7.34 30.01 0.76
N LYS A 69 -6.73 29.01 0.16
CA LYS A 69 -7.26 27.65 0.21
C LYS A 69 -6.23 26.56 -0.14
N SER A 70 -6.40 25.40 0.47
CA SER A 70 -5.61 24.20 0.17
C SER A 70 -6.52 23.11 -0.39
N ILE A 71 -6.04 22.45 -1.44
CA ILE A 71 -6.76 21.35 -2.07
C ILE A 71 -5.84 20.14 -2.16
N VAL A 72 -6.09 19.17 -1.30
CA VAL A 72 -5.40 17.89 -1.27
C VAL A 72 -5.93 17.01 -2.39
N HIS A 73 -5.07 16.20 -3.00
CA HIS A 73 -5.51 15.35 -4.12
C HIS A 73 -6.67 14.48 -3.65
N PRO A 74 -7.70 14.31 -4.51
CA PRO A 74 -8.89 13.54 -4.09
C PRO A 74 -8.58 12.08 -3.78
N SER A 75 -7.55 11.55 -4.40
CA SER A 75 -7.14 10.17 -4.20
C SER A 75 -5.88 10.07 -3.34
N TYR A 76 -5.60 11.12 -2.56
CA TYR A 76 -4.46 11.06 -1.64
C TYR A 76 -4.70 10.02 -0.56
N ASN A 77 -3.69 9.18 -0.39
CA ASN A 77 -3.70 8.06 0.53
C ASN A 77 -2.60 8.24 1.62
N SER A 78 -3.02 8.62 2.82
CA SER A 78 -2.10 8.92 3.92
C SER A 78 -1.36 7.69 4.47
N ASN A 79 -1.81 6.51 4.05
CA ASN A 79 -1.19 5.22 4.43
C ASN A 79 -0.04 4.81 3.55
N THR A 80 -0.26 4.86 2.25
CA THR A 80 0.70 4.42 1.28
C THR A 80 1.45 5.62 0.72
N LEU A 81 0.87 6.81 0.95
CA LEU A 81 1.41 8.09 0.49
C LEU A 81 1.28 8.26 -1.01
N ASN A 82 0.43 7.44 -1.61
CA ASN A 82 0.07 7.55 -3.02
C ASN A 82 -0.71 8.84 -3.24
N ASN A 83 -0.42 9.51 -4.37
CA ASN A 83 -1.06 10.76 -4.73
C ASN A 83 -0.70 11.88 -3.75
N ASP A 84 0.57 11.92 -3.32
CA ASP A 84 1.04 12.91 -2.34
C ASP A 84 1.30 14.23 -3.05
N ILE A 85 0.22 14.96 -3.30
CA ILE A 85 0.30 16.26 -3.94
C ILE A 85 -0.84 17.16 -3.43
N MET A 86 -0.50 18.41 -3.14
CA MET A 86 -1.47 19.40 -2.68
C MET A 86 -1.32 20.69 -3.48
N LEU A 87 -2.45 21.32 -3.77
CA LEU A 87 -2.47 22.66 -4.35
C LEU A 87 -2.85 23.70 -3.29
N ILE A 88 -2.10 24.80 -3.28
CA ILE A 88 -2.32 25.88 -2.32
C ILE A 88 -2.51 27.15 -3.13
N LYS A 89 -3.68 27.78 -3.02
CA LYS A 89 -3.89 29.08 -3.64
C LYS A 89 -3.47 30.21 -2.69
N LEU A 90 -2.71 31.17 -3.23
CA LEU A 90 -2.31 32.38 -2.52
C LEU A 90 -3.47 33.38 -2.46
N LYS A 91 -3.58 34.06 -1.32
CA LYS A 91 -4.60 35.08 -1.06
C LYS A 91 -4.43 36.29 -1.98
N SER A 92 -3.20 36.57 -2.37
CA SER A 92 -2.95 37.61 -3.36
C SER A 92 -1.86 37.13 -4.30
N ALA A 93 -1.90 37.56 -5.55
CA ALA A 93 -0.90 37.14 -6.51
C ALA A 93 0.46 37.64 -6.05
N ALA A 94 1.47 36.78 -6.12
CA ALA A 94 2.83 37.17 -5.76
C ALA A 94 3.33 38.05 -6.89
N SER A 95 4.29 38.92 -6.59
CA SER A 95 4.95 39.71 -7.62
C SER A 95 6.10 38.88 -8.13
N LEU A 96 6.04 38.53 -9.40
CA LEU A 96 7.06 37.72 -10.06
C LEU A 96 8.15 38.61 -10.57
N ASN A 97 9.38 38.20 -10.32
CA ASN A 97 10.58 38.94 -10.70
C ASN A 97 11.76 37.96 -10.81
N SER A 98 12.99 38.47 -10.80
CA SER A 98 14.16 37.60 -10.87
C SER A 98 14.21 36.55 -9.74
N ARG A 99 13.91 36.99 -8.51
CA ARG A 99 14.10 36.19 -7.29
C ARG A 99 12.87 35.43 -6.81
N VAL A 100 11.72 35.75 -7.37
CA VAL A 100 10.49 35.05 -7.12
C VAL A 100 9.96 34.73 -8.49
N ALA A 101 10.18 33.50 -8.93
CA ALA A 101 9.75 33.02 -10.25
C ALA A 101 9.06 31.68 -10.16
N SER A 102 8.06 31.47 -11.01
CA SER A 102 7.37 30.20 -11.11
C SER A 102 8.22 29.13 -11.84
N ILE A 103 7.87 27.86 -11.62
CA ILE A 103 8.56 26.75 -12.27
C ILE A 103 7.62 26.05 -13.26
N SER A 104 8.10 25.74 -14.47
CA SER A 104 7.28 25.02 -15.45
C SER A 104 6.86 23.63 -14.99
N LEU A 105 5.59 23.29 -15.19
CA LEU A 105 5.13 21.91 -15.06
C LEU A 105 5.68 21.08 -16.24
N PRO A 106 5.86 19.77 -16.02
CA PRO A 106 6.34 18.92 -17.09
C PRO A 106 5.26 18.61 -18.13
N THR A 107 5.69 18.39 -19.37
CA THR A 107 4.78 18.02 -20.46
C THR A 107 4.99 16.55 -20.81
N SER A 108 6.08 15.99 -20.29
CA SER A 108 6.30 14.55 -20.30
C SER A 108 7.04 14.18 -19.02
N CYS A 109 6.98 12.89 -18.67
CA CYS A 109 7.71 12.41 -17.51
C CYS A 109 9.20 12.35 -17.82
N ALA A 110 10.01 12.38 -16.76
CA ALA A 110 11.45 12.29 -16.92
C ALA A 110 11.88 10.83 -16.75
N SER A 111 12.67 10.35 -17.69
CA SER A 111 13.15 8.97 -17.64
C SER A 111 14.31 8.84 -16.64
N ALA A 112 14.59 7.62 -16.20
CA ALA A 112 15.67 7.36 -15.24
C ALA A 112 17.02 7.86 -15.77
N GLY A 113 17.90 8.28 -14.86
CA GLY A 113 19.22 8.77 -15.24
C GLY A 113 19.34 10.28 -15.36
N THR A 114 18.21 10.96 -15.52
CA THR A 114 18.16 12.43 -15.62
C THR A 114 18.64 13.05 -14.32
N GLN A 115 19.54 14.02 -14.41
CA GLN A 115 20.01 14.77 -13.24
C GLN A 115 19.01 15.87 -12.88
N CYS A 116 18.70 15.97 -11.59
CA CYS A 116 17.71 16.93 -11.09
C CYS A 116 18.23 17.75 -9.93
N LEU A 117 17.56 18.88 -9.68
CA LEU A 117 17.90 19.77 -8.58
C LEU A 117 16.86 19.68 -7.48
N ILE A 118 17.31 19.23 -6.32
CA ILE A 118 16.46 19.06 -5.15
C ILE A 118 16.89 20.03 -4.05
N SER A 119 15.92 20.74 -3.45
CA SER A 119 16.21 21.82 -2.50
C SER A 119 15.26 21.90 -1.30
N GLY A 120 15.71 22.52 -0.23
CA GLY A 120 14.90 22.66 0.97
C GLY A 120 15.72 23.15 2.14
N TRP A 121 15.03 23.39 3.25
CA TRP A 121 15.66 23.82 4.50
C TRP A 121 15.57 22.70 5.54
N GLY A 122 15.55 21.46 5.09
CA GLY A 122 15.42 20.32 6.00
C GLY A 122 16.72 19.92 6.69
N ASN A 123 16.66 18.84 7.45
CA ASN A 123 17.82 18.36 8.19
C ASN A 123 19.00 18.05 7.27
N THR A 124 20.20 18.48 7.68
CA THR A 124 21.45 18.19 6.94
C THR A 124 22.24 16.98 7.45
N LYS A 125 21.70 16.28 8.45
CA LYS A 125 22.36 15.10 9.03
C LYS A 125 21.51 13.83 8.98
N SER A 126 22.15 12.73 8.58
CA SER A 126 21.50 11.42 8.42
C SER A 126 21.25 10.66 9.74
N SER A 127 21.98 11.06 10.79
CA SER A 127 21.78 10.51 12.14
C SER A 127 21.11 11.55 13.06
N GLY A 128 21.88 12.57 13.44
CA GLY A 128 21.43 13.58 14.39
C GLY A 128 20.52 14.65 13.81
N THR A 129 20.79 15.91 14.18
CA THR A 129 19.89 17.02 13.86
C THR A 129 20.62 18.36 13.76
N SER A 130 20.72 18.87 12.53
CA SER A 130 21.20 20.23 12.28
C SER A 130 20.43 20.84 11.10
N TYR A 131 19.88 22.02 11.32
CA TYR A 131 19.13 22.79 10.32
C TYR A 131 19.93 24.02 9.86
N PRO A 132 19.99 24.25 8.52
CA PRO A 132 20.91 25.14 7.76
C PRO A 132 21.38 26.57 8.26
N ASP A 133 20.60 27.66 8.26
CA ASP A 133 19.17 27.82 7.92
C ASP A 133 18.96 28.42 6.52
N VAL A 134 20.03 28.52 5.74
CA VAL A 134 19.91 28.94 4.36
C VAL A 134 19.50 27.73 3.49
N LEU A 135 18.97 28.01 2.30
CA LEU A 135 18.47 26.99 1.39
C LEU A 135 19.59 26.13 0.85
N LYS A 136 19.45 24.82 1.02
CA LYS A 136 20.43 23.86 0.50
C LYS A 136 19.92 23.18 -0.76
N CYS A 137 20.87 22.80 -1.61
CA CYS A 137 20.59 22.25 -2.94
C CYS A 137 21.26 20.89 -3.11
N LEU A 138 20.68 20.01 -3.92
CA LEU A 138 21.32 18.73 -4.21
C LEU A 138 21.05 18.31 -5.64
N LYS A 139 22.13 18.00 -6.35
CA LYS A 139 22.04 17.40 -7.67
C LYS A 139 21.99 15.88 -7.53
N ALA A 140 20.96 15.27 -8.10
CA ALA A 140 20.70 13.84 -7.92
C ALA A 140 19.95 13.29 -9.12
N PRO A 141 20.30 12.06 -9.57
CA PRO A 141 19.56 11.55 -10.72
C PRO A 141 18.33 10.75 -10.30
N ILE A 142 17.35 10.68 -11.18
CA ILE A 142 16.22 9.78 -11.02
C ILE A 142 16.74 8.35 -11.16
N LEU A 143 16.35 7.48 -10.21
CA LEU A 143 16.69 6.07 -10.25
C LEU A 143 15.59 5.31 -10.99
N SER A 144 15.94 4.17 -11.61
CA SER A 144 14.95 3.29 -12.26
C SER A 144 13.87 2.90 -11.27
N ASP A 145 12.64 2.74 -11.73
CA ASP A 145 11.60 2.27 -10.82
C ASP A 145 11.89 0.86 -10.35
N SER A 146 12.69 0.14 -11.12
CA SER A 146 13.17 -1.17 -10.71
C SER A 146 14.05 -1.07 -9.46
N SER A 147 15.02 -0.16 -9.47
CA SER A 147 15.86 0.12 -8.28
C SER A 147 15.03 0.65 -7.11
N CYS A 148 14.06 1.48 -7.45
CA CYS A 148 13.18 2.08 -6.46
C CYS A 148 12.41 1.02 -5.69
N LYS A 149 11.80 0.11 -6.43
CA LYS A 149 11.01 -0.99 -5.87
C LYS A 149 11.87 -2.00 -5.13
N SER A 150 13.12 -2.16 -5.58
CA SER A 150 14.08 -3.03 -4.91
C SER A 150 14.48 -2.47 -3.54
N ALA A 151 14.58 -1.14 -3.49
CA ALA A 151 14.91 -0.42 -2.25
C ALA A 151 13.76 -0.49 -1.25
N TYR A 152 12.54 -0.38 -1.77
CA TYR A 152 11.34 -0.32 -0.94
C TYR A 152 10.32 -1.32 -1.43
N PRO A 153 10.59 -2.63 -1.20
CA PRO A 153 9.70 -3.68 -1.72
C PRO A 153 8.25 -3.47 -1.31
N GLY A 154 7.37 -3.48 -2.30
CA GLY A 154 5.95 -3.33 -2.05
C GLY A 154 5.43 -1.93 -1.79
N GLN A 155 6.33 -0.95 -1.67
CA GLN A 155 5.93 0.39 -1.20
C GLN A 155 5.77 1.41 -2.32
N ILE A 156 6.22 1.06 -3.52
CA ILE A 156 6.27 2.04 -4.61
C ILE A 156 5.11 1.89 -5.61
N THR A 157 4.41 3.01 -5.83
CA THR A 157 3.25 3.05 -6.72
C THR A 157 3.67 3.73 -8.01
N SER A 158 2.77 3.72 -8.99
CA SER A 158 3.01 4.40 -10.27
C SER A 158 3.09 5.93 -10.11
N ASN A 159 2.81 6.44 -8.92
CA ASN A 159 2.80 7.88 -8.67
C ASN A 159 4.05 8.36 -7.95
N MET A 160 5.06 7.49 -7.89
CA MET A 160 6.31 7.71 -7.16
C MET A 160 7.52 7.38 -8.03
N PHE A 161 8.61 8.10 -7.79
CA PHE A 161 9.93 7.71 -8.25
C PHE A 161 10.95 7.96 -7.14
N CYS A 162 12.09 7.26 -7.22
CA CYS A 162 13.20 7.43 -6.30
C CYS A 162 14.23 8.26 -7.01
N ALA A 163 14.95 9.07 -6.26
CA ALA A 163 16.09 9.79 -6.79
C ALA A 163 17.14 9.85 -5.72
N GLY A 164 18.38 10.06 -6.13
CA GLY A 164 19.47 10.16 -5.16
C GLY A 164 20.55 9.16 -5.49
N TYR A 165 21.06 8.49 -4.47
CA TYR A 165 22.26 7.65 -4.57
C TYR A 165 22.10 6.45 -3.64
N LEU A 166 22.23 5.23 -4.18
CA LEU A 166 22.05 4.04 -3.34
C LEU A 166 23.17 3.89 -2.30
N GLU A 167 24.30 4.55 -2.54
CA GLU A 167 25.45 4.53 -1.62
C GLU A 167 25.14 5.23 -0.30
N GLY A 168 24.08 6.04 -0.30
CA GLY A 168 23.76 6.87 0.85
C GLY A 168 24.52 8.19 0.72
N GLY A 169 24.58 8.93 1.82
CA GLY A 169 25.34 10.17 1.90
C GLY A 169 24.68 11.44 1.41
N LYS A 170 23.83 11.33 0.40
CA LYS A 170 23.22 12.50 -0.22
C LYS A 170 21.73 12.26 -0.48
N ASP A 171 20.88 13.11 0.08
CA ASP A 171 19.42 12.88 0.05
C ASP A 171 18.67 14.11 0.53
N SER A 172 17.34 14.11 0.36
CA SER A 172 16.49 15.03 1.11
C SER A 172 16.28 14.46 2.51
N CYS A 173 15.66 15.24 3.39
CA CYS A 173 15.43 14.83 4.78
C CYS A 173 14.25 15.59 5.34
N GLN A 174 13.94 15.36 6.61
CA GLN A 174 12.80 16.02 7.26
C GLN A 174 12.96 17.54 7.21
N GLY A 175 11.88 18.20 6.77
CA GLY A 175 11.86 19.66 6.54
C GLY A 175 11.91 19.99 5.06
N ASP A 176 12.15 18.97 4.24
CA ASP A 176 12.32 19.15 2.80
C ASP A 176 11.03 18.82 2.03
N SER A 177 10.09 18.17 2.71
CA SER A 177 8.81 17.74 2.14
C SER A 177 8.07 18.84 1.41
N GLY A 178 7.38 18.48 0.34
CA GLY A 178 6.62 19.44 -0.42
C GLY A 178 7.46 20.19 -1.42
N GLY A 179 8.78 20.19 -1.22
CA GLY A 179 9.71 20.90 -2.07
C GLY A 179 9.96 20.35 -3.46
N PRO A 180 10.61 21.13 -4.32
CA PRO A 180 10.82 20.77 -5.72
C PRO A 180 11.89 19.70 -5.97
N VAL A 181 11.61 18.89 -6.99
CA VAL A 181 12.59 18.09 -7.72
C VAL A 181 12.48 18.57 -9.18
N VAL A 182 13.47 19.30 -9.65
CA VAL A 182 13.38 19.96 -10.95
C VAL A 182 14.42 19.37 -11.91
N CYS A 183 13.94 18.91 -13.06
CA CYS A 183 14.79 18.23 -14.03
C CYS A 183 14.60 18.82 -15.41
N SER A 184 15.68 19.42 -15.92
CA SER A 184 15.68 20.08 -17.22
C SER A 184 14.64 21.18 -17.29
N GLY A 185 14.55 21.98 -16.22
CA GLY A 185 13.67 23.13 -16.17
C GLY A 185 12.21 22.87 -15.83
N LYS A 186 11.88 21.63 -15.44
CA LYS A 186 10.48 21.27 -15.13
C LYS A 186 10.36 20.64 -13.76
N LEU A 187 9.24 20.92 -13.09
CA LEU A 187 8.91 20.29 -11.82
C LEU A 187 8.50 18.84 -12.04
N GLN A 188 9.45 17.93 -11.86
CA GLN A 188 9.17 16.51 -12.06
C GLN A 188 8.77 15.78 -10.78
N GLY A 189 9.17 16.33 -9.63
CA GLY A 189 8.90 15.68 -8.35
C GLY A 189 8.59 16.58 -7.18
N ILE A 190 7.99 16.00 -6.16
CA ILE A 190 7.72 16.64 -4.89
C ILE A 190 8.37 15.78 -3.81
N VAL A 191 9.21 16.38 -2.96
CA VAL A 191 9.77 15.68 -1.81
C VAL A 191 8.65 15.06 -0.96
N SER A 192 8.80 13.77 -0.62
CA SER A 192 7.70 12.99 -0.06
C SER A 192 8.12 12.19 1.18
N TRP A 193 8.85 11.08 0.96
CA TRP A 193 9.23 10.19 2.06
C TRP A 193 10.49 9.38 1.82
N GLY A 194 10.92 8.71 2.89
CA GLY A 194 11.99 7.70 2.85
C GLY A 194 12.12 7.02 4.20
N SER A 195 12.99 6.01 4.27
CA SER A 195 13.36 5.39 5.53
C SER A 195 14.64 6.05 6.00
N GLY A 196 14.52 6.95 6.97
CA GLY A 196 15.65 7.75 7.43
C GLY A 196 16.08 8.72 6.35
N CYS A 197 17.31 9.19 6.43
CA CYS A 197 17.84 10.12 5.44
C CYS A 197 19.26 9.74 5.05
N ALA A 198 19.52 9.75 3.74
CA ALA A 198 20.86 9.49 3.20
C ALA A 198 21.42 8.11 3.58
N GLN A 199 20.54 7.17 3.89
CA GLN A 199 20.95 5.81 4.28
C GLN A 199 21.25 4.94 3.06
N LYS A 200 22.13 3.96 3.25
CA LYS A 200 22.47 3.01 2.18
C LYS A 200 21.21 2.30 1.72
N ASN A 201 21.01 2.26 0.40
CA ASN A 201 19.89 1.55 -0.23
C ASN A 201 18.50 2.09 0.12
N LYS A 202 18.47 3.28 0.74
CA LYS A 202 17.23 3.94 1.11
C LYS A 202 17.16 5.37 0.51
N PRO A 203 17.02 5.46 -0.84
CA PRO A 203 17.01 6.77 -1.47
C PRO A 203 15.68 7.47 -1.18
N GLY A 204 15.59 8.74 -1.52
CA GLY A 204 14.35 9.48 -1.34
C GLY A 204 13.32 9.04 -2.35
N VAL A 205 12.05 9.07 -1.93
CA VAL A 205 10.93 8.80 -2.81
C VAL A 205 10.15 10.10 -3.02
N TYR A 206 9.76 10.35 -4.28
CA TYR A 206 9.19 11.63 -4.69
C TYR A 206 7.88 11.42 -5.44
N THR A 207 6.98 12.38 -5.32
CA THR A 207 5.72 12.36 -6.07
C THR A 207 6.02 12.64 -7.53
N LYS A 208 5.42 11.83 -8.38
CA LYS A 208 5.65 11.91 -9.82
C LYS A 208 4.67 12.93 -10.44
N VAL A 209 5.08 14.21 -10.40
CA VAL A 209 4.22 15.34 -10.80
C VAL A 209 3.65 15.21 -12.22
N CYS A 210 4.33 14.49 -13.10
CA CYS A 210 3.91 14.37 -14.50
C CYS A 210 2.56 13.64 -14.65
N ASN A 211 2.22 12.82 -13.65
CA ASN A 211 0.93 12.14 -13.60
C ASN A 211 -0.24 13.07 -13.21
N TYR A 212 0.08 14.29 -12.83
CA TYR A 212 -0.91 15.16 -12.21
C TYR A 212 -1.23 16.45 -12.96
N VAL A 213 -0.48 16.73 -14.03
CA VAL A 213 -0.61 17.98 -14.77
C VAL A 213 -2.05 18.37 -15.11
N SER A 214 -2.85 17.36 -15.46
CA SER A 214 -4.22 17.58 -15.92
C SER A 214 -5.15 17.92 -14.75
N TRP A 215 -4.94 17.28 -13.61
CA TRP A 215 -5.67 17.63 -12.40
C TRP A 215 -5.27 19.06 -12.00
N ILE A 216 -3.96 19.31 -11.88
CA ILE A 216 -3.45 20.64 -11.53
C ILE A 216 -4.09 21.74 -12.37
N LYS A 217 -4.03 21.56 -13.70
CA LYS A 217 -4.62 22.48 -14.68
C LYS A 217 -6.10 22.76 -14.46
N GLN A 218 -6.91 21.71 -14.40
CA GLN A 218 -8.36 21.86 -14.20
C GLN A 218 -8.72 22.43 -12.82
N THR A 219 -7.89 22.16 -11.81
CA THR A 219 -8.19 22.63 -10.46
C THR A 219 -7.93 24.13 -10.34
N ILE A 220 -6.85 24.58 -10.96
CA ILE A 220 -6.51 26.00 -10.98
C ILE A 220 -7.53 26.79 -11.79
N ALA A 221 -7.97 26.23 -12.91
CA ALA A 221 -8.93 26.90 -13.80
C ALA A 221 -10.27 27.18 -13.12
N SER A 222 -10.59 26.37 -12.10
CA SER A 222 -11.89 26.40 -11.42
C SER A 222 -11.86 26.99 -9.99
N ASN A 223 -10.68 27.27 -9.47
CA ASN A 223 -10.54 27.79 -8.12
C ASN A 223 -9.76 29.10 -8.02
N ILE B 1 -14.22 -19.72 10.16
CA ILE B 1 -15.54 -19.07 9.93
C ILE B 1 -16.20 -18.75 11.30
N VAL B 2 -16.44 -17.46 11.51
CA VAL B 2 -17.20 -16.96 12.68
C VAL B 2 -18.64 -16.72 12.24
N GLY B 3 -19.61 -17.18 13.05
CA GLY B 3 -21.02 -16.97 12.76
C GLY B 3 -21.66 -17.90 11.75
N GLY B 4 -20.92 -18.93 11.33
CA GLY B 4 -21.38 -19.81 10.28
C GLY B 4 -22.16 -21.03 10.75
N TYR B 5 -22.27 -22.00 9.86
CA TYR B 5 -22.97 -23.25 10.13
C TYR B 5 -22.11 -24.40 9.58
N THR B 6 -22.38 -25.59 10.09
CA THR B 6 -21.75 -26.82 9.66
C THR B 6 -22.24 -27.15 8.26
N CYS B 7 -21.32 -27.10 7.30
CA CYS B 7 -21.61 -27.30 5.87
C CYS B 7 -22.30 -28.62 5.55
N GLY B 8 -21.88 -29.68 6.23
CA GLY B 8 -22.27 -31.06 5.88
C GLY B 8 -21.12 -31.69 5.12
N ALA B 9 -20.87 -32.97 5.35
CA ALA B 9 -19.76 -33.67 4.71
C ALA B 9 -19.81 -33.62 3.17
N ASN B 10 -18.76 -33.05 2.57
CA ASN B 10 -18.55 -33.08 1.12
C ASN B 10 -19.50 -32.21 0.26
N THR B 11 -20.28 -31.36 0.94
CA THR B 11 -21.19 -30.41 0.30
C THR B 11 -20.44 -29.23 -0.38
N VAL B 12 -19.17 -29.06 -0.02
CA VAL B 12 -18.30 -28.06 -0.66
C VAL B 12 -17.12 -28.83 -1.30
N PRO B 13 -17.40 -29.54 -2.41
CA PRO B 13 -16.45 -30.58 -2.82
C PRO B 13 -15.15 -30.03 -3.40
N TYR B 14 -15.12 -28.74 -3.74
CA TYR B 14 -13.92 -28.04 -4.25
C TYR B 14 -12.98 -27.51 -3.14
N GLN B 15 -13.47 -27.53 -1.90
CA GLN B 15 -12.71 -27.09 -0.74
C GLN B 15 -11.55 -28.05 -0.38
N VAL B 16 -10.34 -27.51 -0.38
CA VAL B 16 -9.19 -28.32 0.01
C VAL B 16 -8.52 -27.75 1.25
N SER B 17 -7.87 -28.64 1.97
CA SER B 17 -7.13 -28.25 3.14
C SER B 17 -5.66 -28.39 2.80
N LEU B 18 -4.87 -27.41 3.20
CA LEU B 18 -3.42 -27.41 2.99
C LEU B 18 -2.69 -27.78 4.27
N ASN B 19 -1.83 -28.79 4.18
CA ASN B 19 -1.25 -29.42 5.37
C ASN B 19 0.27 -29.44 5.29
N SER B 20 0.91 -29.06 6.38
CA SER B 20 2.36 -29.22 6.50
C SER B 20 2.69 -29.85 7.85
N GLY B 21 1.84 -30.76 8.32
CA GLY B 21 1.98 -31.29 9.67
C GLY B 21 0.74 -30.95 10.46
N TYR B 22 0.06 -29.90 10.01
CA TYR B 22 -1.18 -29.39 10.59
C TYR B 22 -1.87 -28.63 9.48
N HIS B 23 -3.18 -28.43 9.60
CA HIS B 23 -3.92 -27.55 8.68
C HIS B 23 -3.46 -26.10 8.85
N PHE B 24 -2.97 -25.47 7.79
CA PHE B 24 -2.53 -24.06 7.89
C PHE B 24 -3.31 -23.05 7.03
N CYS B 25 -3.89 -23.53 5.94
CA CYS B 25 -4.68 -22.67 5.02
C CYS B 25 -5.63 -23.56 4.27
N GLY B 26 -6.58 -22.95 3.56
CA GLY B 26 -7.40 -23.64 2.57
C GLY B 26 -6.94 -23.35 1.15
N GLY B 27 -7.71 -23.85 0.19
CA GLY B 27 -7.48 -23.63 -1.22
C GLY B 27 -8.70 -24.16 -1.95
N SER B 28 -8.74 -23.95 -3.25
CA SER B 28 -9.88 -24.41 -4.04
C SER B 28 -9.39 -25.18 -5.26
N LEU B 29 -9.95 -26.38 -5.45
CA LEU B 29 -9.61 -27.23 -6.59
C LEU B 29 -10.28 -26.72 -7.86
N ILE B 30 -9.48 -26.40 -8.87
CA ILE B 30 -10.00 -25.80 -10.11
C ILE B 30 -9.90 -26.74 -11.32
N ASN B 31 -9.00 -27.70 -11.24
CA ASN B 31 -9.03 -28.89 -12.10
C ASN B 31 -8.37 -30.05 -11.36
N SER B 32 -8.24 -31.20 -12.00
CA SER B 32 -7.76 -32.41 -11.34
C SER B 32 -6.31 -32.32 -10.84
N GLN B 33 -5.57 -31.30 -11.29
CA GLN B 33 -4.14 -31.15 -10.98
C GLN B 33 -3.73 -29.84 -10.31
N TRP B 34 -4.67 -28.91 -10.14
CA TRP B 34 -4.35 -27.56 -9.70
C TRP B 34 -5.30 -27.02 -8.66
N VAL B 35 -4.72 -26.39 -7.65
CA VAL B 35 -5.44 -25.75 -6.56
C VAL B 35 -5.12 -24.26 -6.54
N VAL B 36 -6.15 -23.44 -6.32
CA VAL B 36 -5.96 -21.99 -6.13
C VAL B 36 -5.94 -21.67 -4.62
N SER B 37 -4.92 -20.94 -4.18
CA SER B 37 -4.85 -20.51 -2.78
C SER B 37 -4.39 -19.06 -2.69
N ALA B 38 -4.05 -18.60 -1.48
CA ALA B 38 -3.49 -17.27 -1.29
C ALA B 38 -1.98 -17.35 -1.34
N ALA B 39 -1.33 -16.33 -1.90
CA ALA B 39 0.14 -16.27 -1.96
C ALA B 39 0.79 -16.16 -0.57
N HIS B 40 0.06 -15.61 0.40
CA HIS B 40 0.61 -15.54 1.77
C HIS B 40 0.56 -16.91 2.44
N CYS B 41 -0.13 -17.86 1.82
CA CYS B 41 -0.12 -19.25 2.29
C CYS B 41 1.08 -20.04 1.79
N TYR B 42 2.00 -19.39 1.06
CA TYR B 42 3.15 -20.06 0.53
C TYR B 42 3.99 -20.71 1.63
N LYS B 43 4.36 -21.95 1.39
CA LYS B 43 5.15 -22.74 2.30
C LYS B 43 5.77 -23.84 1.45
N SER B 44 6.93 -24.33 1.88
CA SER B 44 7.50 -25.52 1.27
C SER B 44 6.88 -26.76 1.95
N GLY B 45 6.86 -27.88 1.23
CA GLY B 45 6.38 -29.14 1.78
C GLY B 45 4.88 -29.18 2.04
N ILE B 46 4.10 -28.76 1.05
CA ILE B 46 2.64 -28.74 1.19
C ILE B 46 2.03 -30.05 0.71
N GLN B 47 1.07 -30.56 1.49
CA GLN B 47 0.23 -31.65 1.03
C GLN B 47 -1.20 -31.13 0.91
N VAL B 48 -1.82 -31.34 -0.24
CA VAL B 48 -3.19 -30.93 -0.44
C VAL B 48 -4.05 -32.07 0.06
N ARG B 49 -5.11 -31.75 0.79
CA ARG B 49 -6.03 -32.75 1.27
C ARG B 49 -7.41 -32.45 0.75
N LEU B 50 -7.90 -33.35 -0.09
CA LEU B 50 -9.18 -33.21 -0.74
C LEU B 50 -10.13 -34.20 -0.12
N GLY B 51 -11.42 -33.99 -0.37
CA GLY B 51 -12.47 -34.91 0.07
C GLY B 51 -12.75 -34.87 1.55
N GLU B 52 -12.21 -33.85 2.23
CA GLU B 52 -12.21 -33.76 3.68
C GLU B 52 -13.47 -33.18 4.29
N ASP B 53 -13.83 -33.67 5.49
CA ASP B 53 -14.80 -33.01 6.34
C ASP B 53 -14.24 -32.68 7.75
N ASN B 54 -14.19 -33.67 8.65
CA ASN B 54 -13.35 -33.59 9.86
C ASN B 54 -11.88 -33.83 9.48
N ILE B 55 -11.05 -32.79 9.64
CA ILE B 55 -9.64 -32.84 9.21
C ILE B 55 -8.71 -33.58 10.19
N ASN B 56 -9.24 -33.94 11.35
CA ASN B 56 -8.50 -34.76 12.31
C ASN B 56 -8.87 -36.25 12.24
N VAL B 57 -9.77 -36.59 11.32
CA VAL B 57 -10.27 -37.95 11.17
C VAL B 57 -10.33 -38.33 9.69
N VAL B 58 -9.73 -39.47 9.35
CA VAL B 58 -9.89 -40.05 8.02
C VAL B 58 -11.24 -40.74 7.96
N GLU B 59 -12.12 -40.18 7.14
CA GLU B 59 -13.51 -40.65 7.09
C GLU B 59 -13.83 -41.47 5.83
N GLY B 60 -12.83 -41.63 4.97
CA GLY B 60 -12.93 -42.57 3.86
C GLY B 60 -13.18 -42.01 2.48
N ASN B 61 -13.26 -40.69 2.37
CA ASN B 61 -13.42 -40.06 1.06
C ASN B 61 -12.27 -39.11 0.69
N GLU B 62 -11.26 -39.06 1.55
CA GLU B 62 -10.13 -38.14 1.40
C GLU B 62 -9.21 -38.59 0.26
N GLN B 63 -8.49 -37.62 -0.33
CA GLN B 63 -7.35 -37.90 -1.19
C GLN B 63 -6.23 -36.97 -0.75
N PHE B 64 -5.08 -37.54 -0.40
CA PHE B 64 -3.94 -36.74 0.05
C PHE B 64 -2.89 -36.75 -1.04
N ILE B 65 -2.61 -35.58 -1.60
CA ILE B 65 -1.67 -35.43 -2.70
C ILE B 65 -0.67 -34.32 -2.40
N SER B 66 0.61 -34.65 -2.49
CA SER B 66 1.67 -33.68 -2.25
C SER B 66 1.70 -32.65 -3.37
N ALA B 67 2.04 -31.42 -3.03
CA ALA B 67 2.27 -30.40 -4.05
C ALA B 67 3.61 -30.69 -4.72
N SER B 68 3.65 -30.59 -6.03
CA SER B 68 4.91 -30.79 -6.76
C SER B 68 5.57 -29.45 -7.04
N LYS B 69 4.73 -28.44 -7.24
CA LYS B 69 5.19 -27.07 -7.41
C LYS B 69 4.15 -26.06 -6.93
N SER B 70 4.66 -24.91 -6.47
CA SER B 70 3.86 -23.78 -6.04
C SER B 70 4.28 -22.58 -6.89
N ILE B 71 3.29 -21.88 -7.44
CA ILE B 71 3.55 -20.65 -8.20
C ILE B 71 2.84 -19.45 -7.58
N VAL B 72 3.59 -18.67 -6.81
CA VAL B 72 3.10 -17.40 -6.25
C VAL B 72 2.98 -16.33 -7.36
N HIS B 73 1.96 -15.48 -7.30
CA HIS B 73 1.76 -14.46 -8.35
C HIS B 73 3.02 -13.64 -8.55
N PRO B 74 3.36 -13.34 -9.82
CA PRO B 74 4.62 -12.58 -10.04
C PRO B 74 4.67 -11.22 -9.35
N SER B 75 3.50 -10.62 -9.16
CA SER B 75 3.39 -9.29 -8.55
C SER B 75 2.83 -9.37 -7.13
N TYR B 76 2.85 -10.56 -6.53
CA TYR B 76 2.34 -10.66 -5.19
C TYR B 76 3.11 -9.69 -4.32
N ASN B 77 2.36 -8.80 -3.65
CA ASN B 77 2.92 -7.80 -2.78
C ASN B 77 2.74 -8.21 -1.30
N SER B 78 3.86 -8.54 -0.67
CA SER B 78 3.91 -9.04 0.69
C SER B 78 3.45 -8.01 1.76
N ASN B 79 3.74 -6.74 1.48
CA ASN B 79 3.49 -5.62 2.39
C ASN B 79 2.04 -5.17 2.39
N THR B 80 1.41 -5.24 1.21
CA THR B 80 0.09 -4.67 0.99
C THR B 80 -0.94 -5.75 0.73
N LEU B 81 -0.45 -6.96 0.42
CA LEU B 81 -1.29 -8.14 0.11
C LEU B 81 -2.01 -8.04 -1.22
N ASN B 82 -1.59 -7.10 -2.05
CA ASN B 82 -2.03 -7.01 -3.45
C ASN B 82 -1.52 -8.23 -4.19
N ASN B 83 -2.35 -8.73 -5.12
CA ASN B 83 -2.11 -9.96 -5.85
C ASN B 83 -1.90 -11.17 -4.93
N ASP B 84 -2.77 -11.30 -3.91
CA ASP B 84 -2.69 -12.43 -2.97
C ASP B 84 -3.25 -13.72 -3.57
N ILE B 85 -2.51 -14.29 -4.53
CA ILE B 85 -2.98 -15.45 -5.30
C ILE B 85 -1.82 -16.40 -5.62
N MET B 86 -2.06 -17.70 -5.43
CA MET B 86 -1.05 -18.73 -5.65
C MET B 86 -1.60 -19.96 -6.38
N LEU B 87 -0.79 -20.53 -7.26
CA LEU B 87 -1.11 -21.81 -7.90
C LEU B 87 -0.28 -22.96 -7.35
N ILE B 88 -0.94 -24.09 -7.10
CA ILE B 88 -0.30 -25.26 -6.54
C ILE B 88 -0.66 -26.42 -7.47
N LYS B 89 0.37 -27.07 -8.03
CA LYS B 89 0.13 -28.24 -8.85
C LYS B 89 0.15 -29.52 -8.02
N LEU B 90 -0.81 -30.40 -8.29
CA LEU B 90 -0.86 -31.70 -7.64
C LEU B 90 0.10 -32.62 -8.35
N LYS B 91 0.89 -33.37 -7.57
CA LYS B 91 1.92 -34.23 -8.12
C LYS B 91 1.34 -35.44 -8.83
N SER B 92 0.11 -35.82 -8.45
CA SER B 92 -0.70 -36.74 -9.22
C SER B 92 -2.11 -36.17 -9.36
N ALA B 93 -2.74 -36.38 -10.52
CA ALA B 93 -4.08 -35.87 -10.75
C ALA B 93 -5.05 -36.46 -9.73
N ALA B 94 -5.92 -35.61 -9.17
CA ALA B 94 -6.95 -36.08 -8.26
C ALA B 94 -8.02 -36.85 -9.03
N SER B 95 -8.71 -37.74 -8.32
CA SER B 95 -9.83 -38.46 -8.90
C SER B 95 -11.11 -37.70 -8.54
N LEU B 96 -11.82 -37.29 -9.59
CA LEU B 96 -12.96 -36.39 -9.45
C LEU B 96 -14.24 -37.17 -9.39
N ASN B 97 -14.97 -37.00 -8.29
CA ASN B 97 -16.27 -37.63 -8.07
C ASN B 97 -17.21 -36.60 -7.45
N SER B 98 -18.29 -37.07 -6.84
CA SER B 98 -19.29 -36.16 -6.26
C SER B 98 -18.76 -35.41 -5.04
N ARG B 99 -17.72 -35.94 -4.41
CA ARG B 99 -17.16 -35.39 -3.18
C ARG B 99 -15.80 -34.70 -3.37
N VAL B 100 -15.19 -34.92 -4.52
CA VAL B 100 -13.96 -34.23 -4.87
C VAL B 100 -14.22 -33.71 -6.27
N ALA B 101 -14.50 -32.42 -6.37
CA ALA B 101 -14.97 -31.79 -7.61
C ALA B 101 -14.30 -30.45 -7.81
N SER B 102 -13.97 -30.12 -9.05
CA SER B 102 -13.40 -28.83 -9.38
C SER B 102 -14.47 -27.72 -9.34
N ILE B 103 -14.01 -26.48 -9.14
CA ILE B 103 -14.89 -25.32 -9.14
C ILE B 103 -14.55 -24.38 -10.29
N SER B 104 -15.59 -23.91 -10.99
CA SER B 104 -15.44 -23.08 -12.18
C SER B 104 -14.86 -21.70 -11.88
N LEU B 105 -13.95 -21.25 -12.74
CA LEU B 105 -13.42 -19.90 -12.69
C LEU B 105 -14.39 -18.90 -13.35
N PRO B 106 -14.45 -17.65 -12.85
CA PRO B 106 -15.41 -16.71 -13.39
C PRO B 106 -15.07 -16.26 -14.81
N THR B 107 -16.10 -15.90 -15.56
CA THR B 107 -15.96 -15.30 -16.89
C THR B 107 -16.16 -13.80 -16.76
N SER B 108 -16.87 -13.41 -15.71
CA SER B 108 -17.10 -12.00 -15.38
C SER B 108 -16.94 -11.78 -13.87
N CYS B 109 -16.56 -10.56 -13.48
CA CYS B 109 -16.47 -10.21 -12.06
C CYS B 109 -17.86 -10.15 -11.42
N ALA B 110 -17.93 -10.42 -10.11
CA ALA B 110 -19.20 -10.42 -9.40
C ALA B 110 -19.53 -9.01 -8.93
N SER B 111 -20.83 -8.72 -8.81
CA SER B 111 -21.25 -7.39 -8.42
C SER B 111 -21.60 -7.29 -6.95
N ALA B 112 -21.51 -6.09 -6.38
CA ALA B 112 -21.90 -5.86 -5.00
C ALA B 112 -23.34 -6.35 -4.82
N GLY B 113 -23.59 -6.98 -3.68
CA GLY B 113 -24.91 -7.50 -3.37
C GLY B 113 -25.07 -8.98 -3.66
N THR B 114 -24.23 -9.52 -4.52
CA THR B 114 -24.27 -10.96 -4.84
C THR B 114 -23.93 -11.78 -3.60
N GLN B 115 -24.75 -12.78 -3.32
CA GLN B 115 -24.50 -13.68 -2.22
C GLN B 115 -23.46 -14.72 -2.61
N CYS B 116 -22.49 -14.95 -1.72
CA CYS B 116 -21.44 -15.95 -1.92
C CYS B 116 -21.37 -16.96 -0.78
N LEU B 117 -20.75 -18.10 -1.06
CA LEU B 117 -20.43 -19.10 -0.04
C LEU B 117 -18.94 -19.08 0.33
N ILE B 118 -18.67 -18.81 1.60
CA ILE B 118 -17.31 -18.81 2.15
C ILE B 118 -17.20 -19.99 3.11
N SER B 119 -16.10 -20.73 3.01
CA SER B 119 -15.90 -21.94 3.81
C SER B 119 -14.46 -22.12 4.32
N GLY B 120 -14.32 -22.88 5.39
CA GLY B 120 -13.02 -23.11 5.96
C GLY B 120 -13.06 -23.76 7.32
N TRP B 121 -11.88 -24.21 7.74
CA TRP B 121 -11.66 -24.80 9.04
C TRP B 121 -11.04 -23.83 10.06
N GLY B 122 -11.06 -22.53 9.76
CA GLY B 122 -10.52 -21.50 10.67
C GLY B 122 -11.27 -21.30 12.00
N ASN B 123 -10.78 -20.35 12.79
CA ASN B 123 -11.37 -20.02 14.09
C ASN B 123 -12.86 -19.67 14.02
N THR B 124 -13.63 -20.13 14.99
CA THR B 124 -15.08 -19.86 15.08
C THR B 124 -15.43 -18.71 16.03
N LYS B 125 -14.41 -18.08 16.62
CA LYS B 125 -14.64 -17.01 17.59
C LYS B 125 -13.96 -15.70 17.21
N SER B 126 -14.66 -14.60 17.41
CA SER B 126 -14.18 -13.24 17.15
C SER B 126 -13.40 -12.68 18.35
N SER B 127 -13.46 -13.42 19.46
CA SER B 127 -12.70 -13.16 20.68
C SER B 127 -12.35 -14.50 21.30
N GLY B 128 -11.08 -14.85 21.26
CA GLY B 128 -10.64 -16.17 21.70
C GLY B 128 -10.45 -17.12 20.54
N THR B 129 -10.27 -18.39 20.86
CA THR B 129 -9.85 -19.38 19.87
C THR B 129 -10.60 -20.70 20.09
N SER B 130 -11.42 -21.06 19.12
CA SER B 130 -11.96 -22.41 19.01
C SER B 130 -11.90 -22.84 17.56
N TYR B 131 -11.27 -23.99 17.33
CA TYR B 131 -11.11 -24.50 15.99
C TYR B 131 -12.03 -25.65 15.75
N PRO B 132 -12.83 -25.57 14.66
CA PRO B 132 -13.75 -26.65 14.36
C PRO B 132 -12.96 -27.73 13.67
N ASP B 133 -13.49 -28.93 13.66
CA ASP B 133 -12.84 -29.99 12.94
C ASP B 133 -13.59 -30.23 11.66
N VAL B 134 -14.91 -30.04 11.72
CA VAL B 134 -15.76 -30.14 10.55
C VAL B 134 -15.77 -28.80 9.80
N LEU B 135 -16.03 -28.85 8.50
CA LEU B 135 -15.97 -27.66 7.67
C LEU B 135 -17.18 -26.79 7.95
N LYS B 136 -16.92 -25.48 8.10
CA LYS B 136 -17.95 -24.46 8.32
C LYS B 136 -18.17 -23.63 7.06
N CYS B 137 -19.41 -23.13 6.92
CA CYS B 137 -19.84 -22.40 5.75
C CYS B 137 -20.46 -21.08 6.17
N LEU B 138 -20.33 -20.07 5.33
CA LEU B 138 -20.95 -18.79 5.59
C LEU B 138 -21.50 -18.24 4.31
N LYS B 139 -22.78 -17.88 4.33
CA LYS B 139 -23.38 -17.14 3.23
C LYS B 139 -23.24 -15.64 3.53
N ALA B 140 -22.52 -14.92 2.66
CA ALA B 140 -22.21 -13.51 2.87
C ALA B 140 -22.17 -12.78 1.53
N PRO B 141 -22.67 -11.52 1.49
CA PRO B 141 -22.68 -10.79 0.24
C PRO B 141 -21.41 -9.99 -0.04
N ILE B 142 -21.13 -9.78 -1.32
CA ILE B 142 -20.11 -8.85 -1.78
C ILE B 142 -20.52 -7.43 -1.39
N LEU B 143 -19.59 -6.69 -0.82
CA LEU B 143 -19.80 -5.31 -0.41
C LEU B 143 -19.28 -4.41 -1.51
N SER B 144 -19.94 -3.27 -1.69
CA SER B 144 -19.48 -2.27 -2.65
C SER B 144 -18.02 -1.92 -2.39
N ASP B 145 -17.30 -1.62 -3.46
CA ASP B 145 -15.92 -1.14 -3.38
C ASP B 145 -15.83 0.05 -2.43
N SER B 146 -16.75 1.00 -2.60
CA SER B 146 -16.93 2.13 -1.69
C SER B 146 -17.01 1.74 -0.21
N SER B 147 -17.86 0.77 0.12
CA SER B 147 -18.00 0.28 1.50
C SER B 147 -16.71 -0.34 2.02
N CYS B 148 -16.02 -1.05 1.14
CA CYS B 148 -14.76 -1.71 1.46
C CYS B 148 -13.64 -0.72 1.79
N LYS B 149 -13.49 0.29 0.94
CA LYS B 149 -12.49 1.34 1.14
C LYS B 149 -12.75 2.19 2.40
N SER B 150 -14.02 2.44 2.70
CA SER B 150 -14.33 3.22 3.87
C SER B 150 -14.06 2.45 5.17
N ALA B 151 -14.17 1.12 5.10
CA ALA B 151 -13.83 0.25 6.22
C ALA B 151 -12.31 0.19 6.43
N TYR B 152 -11.59 0.12 5.32
CA TYR B 152 -10.14 0.03 5.34
C TYR B 152 -9.53 1.09 4.45
N PRO B 153 -9.48 2.34 4.93
CA PRO B 153 -8.91 3.47 4.19
C PRO B 153 -7.48 3.27 3.73
N GLY B 154 -7.26 3.41 2.43
CA GLY B 154 -5.94 3.35 1.84
C GLY B 154 -5.31 1.96 1.70
N GLN B 155 -6.10 0.92 2.01
CA GLN B 155 -5.60 -0.46 2.06
C GLN B 155 -6.16 -1.34 0.95
N ILE B 156 -7.21 -0.88 0.30
CA ILE B 156 -7.90 -1.69 -0.70
C ILE B 156 -7.48 -1.34 -2.12
N THR B 157 -6.81 -2.30 -2.78
CA THR B 157 -6.38 -2.18 -4.18
C THR B 157 -7.51 -2.69 -5.06
N SER B 158 -7.35 -2.57 -6.38
CA SER B 158 -8.33 -3.11 -7.36
C SER B 158 -8.39 -4.65 -7.42
N ASN B 159 -7.45 -5.31 -6.73
CA ASN B 159 -7.39 -6.77 -6.70
C ASN B 159 -7.95 -7.34 -5.41
N MET B 160 -8.76 -6.51 -4.74
CA MET B 160 -9.42 -6.88 -3.51
C MET B 160 -10.93 -6.60 -3.57
N PHE B 161 -11.67 -7.28 -2.72
CA PHE B 161 -13.05 -6.91 -2.45
C PHE B 161 -13.37 -7.36 -1.04
N CYS B 162 -14.32 -6.66 -0.41
CA CYS B 162 -14.85 -7.02 0.90
C CYS B 162 -16.14 -7.78 0.72
N ALA B 163 -16.38 -8.72 1.61
CA ALA B 163 -17.64 -9.45 1.66
C ALA B 163 -17.95 -9.68 3.12
N GLY B 164 -19.23 -9.81 3.46
CA GLY B 164 -19.61 -10.07 4.84
C GLY B 164 -20.59 -9.05 5.37
N TYR B 165 -20.37 -8.61 6.61
CA TYR B 165 -21.40 -7.88 7.38
C TYR B 165 -20.76 -6.78 8.24
N LEU B 166 -21.15 -5.52 8.00
CA LEU B 166 -20.54 -4.41 8.76
C LEU B 166 -20.92 -4.40 10.25
N GLU B 167 -22.04 -5.04 10.57
CA GLU B 167 -22.51 -5.16 11.95
C GLU B 167 -21.59 -6.04 12.78
N GLY B 168 -20.93 -6.99 12.12
CA GLY B 168 -20.06 -7.95 12.81
C GLY B 168 -20.80 -9.26 13.05
N GLY B 169 -20.10 -10.20 13.67
CA GLY B 169 -20.69 -11.48 14.01
C GLY B 169 -20.59 -12.60 12.99
N LYS B 170 -20.28 -12.27 11.73
CA LYS B 170 -20.17 -13.25 10.65
C LYS B 170 -19.07 -12.92 9.65
N ASP B 171 -18.03 -13.75 9.61
CA ASP B 171 -16.81 -13.48 8.84
C ASP B 171 -16.01 -14.77 8.65
N SER B 172 -14.97 -14.72 7.82
CA SER B 172 -13.95 -15.74 7.86
C SER B 172 -12.96 -15.34 8.95
N CYS B 173 -12.04 -16.22 9.31
CA CYS B 173 -11.08 -15.93 10.39
C CYS B 173 -9.82 -16.72 10.12
N GLN B 174 -8.82 -16.61 11.00
CA GLN B 174 -7.57 -17.34 10.85
C GLN B 174 -7.80 -18.85 10.69
N GLY B 175 -7.12 -19.40 9.69
CA GLY B 175 -7.23 -20.81 9.29
C GLY B 175 -8.07 -20.94 8.03
N ASP B 176 -8.74 -19.85 7.67
CA ASP B 176 -9.62 -19.82 6.51
C ASP B 176 -8.90 -19.33 5.26
N SER B 177 -7.78 -18.65 5.43
CA SER B 177 -6.98 -18.14 4.31
C SER B 177 -6.79 -19.12 3.18
N GLY B 178 -6.77 -18.60 1.95
CA GLY B 178 -6.57 -19.42 0.79
C GLY B 178 -7.84 -20.07 0.31
N GLY B 179 -8.84 -20.19 1.18
CA GLY B 179 -10.10 -20.89 0.86
C GLY B 179 -11.06 -20.12 -0.05
N PRO B 180 -12.14 -20.78 -0.53
CA PRO B 180 -13.03 -20.21 -1.55
C PRO B 180 -14.05 -19.16 -1.08
N VAL B 181 -14.27 -18.17 -1.94
CA VAL B 181 -15.51 -17.39 -1.95
C VAL B 181 -16.20 -17.64 -3.30
N VAL B 182 -17.31 -18.37 -3.26
CA VAL B 182 -17.97 -18.82 -4.49
C VAL B 182 -19.35 -18.19 -4.63
N CYS B 183 -19.59 -17.53 -5.77
CA CYS B 183 -20.86 -16.83 -6.00
C CYS B 183 -21.40 -17.23 -7.34
N SER B 184 -22.63 -17.73 -7.36
CA SER B 184 -23.28 -18.18 -8.60
C SER B 184 -22.42 -19.27 -9.25
N GLY B 185 -21.88 -20.16 -8.42
CA GLY B 185 -21.08 -21.28 -8.90
C GLY B 185 -19.74 -20.96 -9.54
N LYS B 186 -19.21 -19.76 -9.31
CA LYS B 186 -17.85 -19.41 -9.76
C LYS B 186 -17.00 -18.99 -8.60
N LEU B 187 -15.71 -19.32 -8.68
CA LEU B 187 -14.74 -18.92 -7.65
C LEU B 187 -14.38 -17.44 -7.82
N GLN B 188 -15.11 -16.58 -7.10
CA GLN B 188 -14.90 -15.15 -7.25
C GLN B 188 -13.85 -14.61 -6.28
N GLY B 189 -13.60 -15.36 -5.19
CA GLY B 189 -12.69 -14.88 -4.16
C GLY B 189 -11.80 -15.89 -3.45
N ILE B 190 -10.78 -15.36 -2.79
CA ILE B 190 -9.88 -16.13 -1.97
C ILE B 190 -9.78 -15.47 -0.60
N VAL B 191 -10.05 -16.22 0.46
CA VAL B 191 -9.92 -15.68 1.81
C VAL B 191 -8.52 -15.09 1.97
N SER B 192 -8.42 -13.80 2.32
CA SER B 192 -7.11 -13.11 2.38
C SER B 192 -6.79 -12.48 3.75
N TRP B 193 -7.32 -11.29 4.03
CA TRP B 193 -7.01 -10.65 5.32
C TRP B 193 -8.19 -9.92 6.01
N GLY B 194 -7.94 -9.44 7.22
CA GLY B 194 -8.85 -8.53 7.91
C GLY B 194 -8.21 -7.94 9.15
N SER B 195 -8.91 -7.02 9.80
CA SER B 195 -8.53 -6.63 11.16
C SER B 195 -9.40 -7.41 12.11
N GLY B 196 -8.78 -8.23 12.96
CA GLY B 196 -9.49 -9.18 13.80
C GLY B 196 -10.43 -10.07 12.98
N CYS B 197 -11.46 -10.62 13.61
CA CYS B 197 -12.46 -11.41 12.89
C CYS B 197 -13.87 -11.03 13.31
N ALA B 198 -14.76 -10.88 12.33
CA ALA B 198 -16.17 -10.54 12.57
C ALA B 198 -16.35 -9.30 13.45
N GLN B 199 -15.43 -8.34 13.33
CA GLN B 199 -15.55 -7.10 14.11
C GLN B 199 -16.38 -6.06 13.38
N LYS B 200 -17.10 -5.23 14.14
CA LYS B 200 -17.92 -4.16 13.55
C LYS B 200 -17.06 -3.27 12.67
N ASN B 201 -17.56 -3.00 11.46
CA ASN B 201 -16.86 -2.17 10.47
C ASN B 201 -15.54 -2.71 9.95
N LYS B 202 -15.24 -3.96 10.26
CA LYS B 202 -14.03 -4.64 9.81
C LYS B 202 -14.40 -5.90 9.00
N PRO B 203 -14.86 -5.73 7.74
CA PRO B 203 -15.28 -6.91 6.99
C PRO B 203 -14.09 -7.68 6.44
N GLY B 204 -14.32 -8.89 5.94
CA GLY B 204 -13.25 -9.70 5.38
C GLY B 204 -12.85 -9.17 4.01
N VAL B 205 -11.55 -9.18 3.74
CA VAL B 205 -11.01 -8.77 2.45
C VAL B 205 -10.52 -10.01 1.69
N TYR B 206 -10.87 -10.06 0.41
CA TYR B 206 -10.70 -11.23 -0.44
C TYR B 206 -10.02 -10.87 -1.75
N THR B 207 -9.30 -11.83 -2.31
CA THR B 207 -8.64 -11.62 -3.60
C THR B 207 -9.69 -11.71 -4.67
N LYS B 208 -9.62 -10.77 -5.60
CA LYS B 208 -10.61 -10.63 -6.66
C LYS B 208 -10.16 -11.53 -7.82
N VAL B 209 -10.58 -12.78 -7.78
CA VAL B 209 -10.06 -13.83 -8.68
C VAL B 209 -10.30 -13.56 -10.16
N CYS B 210 -11.34 -12.81 -10.48
CA CYS B 210 -11.68 -12.45 -11.86
C CYS B 210 -10.60 -11.63 -12.58
N ASN B 211 -9.74 -10.96 -11.82
CA ASN B 211 -8.57 -10.26 -12.38
C ASN B 211 -7.42 -11.20 -12.73
N TYR B 212 -7.56 -12.48 -12.41
CA TYR B 212 -6.44 -13.42 -12.52
C TYR B 212 -6.66 -14.58 -13.48
N VAL B 213 -7.85 -14.64 -14.06
CA VAL B 213 -8.22 -15.75 -14.93
C VAL B 213 -7.22 -16.05 -16.07
N SER B 214 -6.57 -15.02 -16.61
CA SER B 214 -5.70 -15.23 -17.76
C SER B 214 -4.27 -15.61 -17.36
N TRP B 215 -3.81 -15.16 -16.20
CA TRP B 215 -2.56 -15.66 -15.64
C TRP B 215 -2.73 -17.11 -15.18
N ILE B 216 -3.90 -17.46 -14.64
CA ILE B 216 -4.15 -18.83 -14.20
C ILE B 216 -4.13 -19.75 -15.41
N LYS B 217 -4.93 -19.40 -16.42
CA LYS B 217 -5.02 -20.16 -17.65
C LYS B 217 -3.69 -20.39 -18.38
N GLN B 218 -2.90 -19.33 -18.54
CA GLN B 218 -1.59 -19.48 -19.18
C GLN B 218 -0.56 -20.21 -18.32
N THR B 219 -0.60 -19.99 -17.01
CA THR B 219 0.36 -20.63 -16.11
C THR B 219 0.18 -22.14 -16.07
N ILE B 220 -1.07 -22.57 -15.91
CA ILE B 220 -1.35 -24.00 -15.88
C ILE B 220 -1.07 -24.68 -17.24
N ALA B 221 -1.26 -23.92 -18.32
CA ALA B 221 -1.03 -24.42 -19.68
C ALA B 221 0.41 -24.82 -19.92
N SER B 222 1.36 -24.10 -19.30
CA SER B 222 2.77 -24.35 -19.52
C SER B 222 3.53 -24.97 -18.33
N ASN B 223 2.80 -25.33 -17.28
CA ASN B 223 3.38 -26.00 -16.12
C ASN B 223 2.70 -27.33 -15.80
N CYS C 8 9.13 -1.85 19.49
CA CYS C 8 10.04 -2.38 18.43
C CYS C 8 9.53 -2.06 17.03
N CYS C 9 10.48 -1.80 16.13
CA CYS C 9 10.24 -1.66 14.70
C CYS C 9 11.56 -1.68 13.94
N ASP C 10 11.63 -2.50 12.89
CA ASP C 10 12.82 -2.60 12.03
C ASP C 10 12.76 -1.65 10.84
N PHE C 11 11.66 -1.71 10.09
CA PHE C 11 11.47 -0.93 8.87
C PHE C 11 10.48 0.19 9.14
N CYS C 12 10.96 1.43 9.09
CA CYS C 12 10.13 2.56 9.47
C CYS C 12 10.33 3.70 8.48
N PRO C 13 9.41 3.83 7.51
CA PRO C 13 9.47 4.99 6.65
C PRO C 13 8.70 6.18 7.24
N CYS C 14 9.14 7.37 6.89
CA CYS C 14 8.60 8.60 7.42
C CYS C 14 8.48 9.61 6.30
N THR C 15 7.39 10.37 6.27
CA THR C 15 7.35 11.56 5.42
C THR C 15 8.41 12.55 5.93
N ARG C 16 8.82 13.46 5.06
CA ARG C 16 9.96 14.34 5.35
C ARG C 16 9.51 15.77 5.68
N SER C 17 8.47 15.84 6.50
CA SER C 17 7.85 17.06 6.95
C SER C 17 8.17 17.21 8.42
N ILE C 18 7.79 18.35 9.00
CA ILE C 18 7.93 18.61 10.44
C ILE C 18 6.56 18.86 11.04
N PRO C 19 6.07 17.94 11.91
CA PRO C 19 6.68 16.67 12.32
C PRO C 19 6.62 15.62 11.20
N PRO C 20 7.45 14.57 11.30
CA PRO C 20 7.34 13.51 10.34
C PRO C 20 6.10 12.66 10.61
N GLN C 21 5.57 12.03 9.57
CA GLN C 21 4.53 11.03 9.72
C GLN C 21 5.17 9.68 9.40
N CYS C 22 5.25 8.82 10.43
CA CYS C 22 5.98 7.56 10.37
C CYS C 22 5.09 6.35 10.62
N GLN C 23 5.38 5.25 9.95
CA GLN C 23 4.73 3.98 10.29
C GLN C 23 5.71 2.83 10.25
N CYS C 24 5.35 1.74 10.90
CA CYS C 24 6.14 0.53 10.88
C CYS C 24 5.58 -0.41 9.80
N THR C 25 6.41 -0.77 8.83
CA THR C 25 5.98 -1.74 7.83
C THR C 25 6.59 -3.13 8.08
N ASP C 26 6.80 -3.46 9.36
CA ASP C 26 7.24 -4.79 9.78
C ASP C 26 6.05 -5.73 9.69
N VAL C 27 6.26 -6.89 9.07
CA VAL C 27 5.29 -7.97 9.12
C VAL C 27 5.69 -8.91 10.25
N ARG C 28 4.77 -9.11 11.18
CA ARG C 28 5.00 -9.96 12.35
C ARG C 28 3.84 -10.95 12.49
N GLU C 29 3.86 -11.72 13.58
CA GLU C 29 2.85 -12.72 13.90
C GLU C 29 1.97 -12.16 15.02
N LYS C 30 2.61 -11.54 16.01
CA LYS C 30 1.91 -10.95 17.15
C LYS C 30 1.30 -9.60 16.77
N CYS C 31 0.13 -9.33 17.34
CA CYS C 31 -0.67 -8.19 16.95
C CYS C 31 -1.73 -7.90 17.98
N HIS C 32 -1.53 -6.91 18.87
CA HIS C 32 -0.30 -6.17 19.18
C HIS C 32 -0.75 -5.02 20.09
N SER C 33 -0.24 -4.99 21.31
CA SER C 33 -0.73 -4.04 22.35
C SER C 33 -0.51 -2.55 22.03
N ALA C 34 0.74 -2.16 21.83
CA ALA C 34 1.12 -0.76 21.53
C ALA C 34 0.41 -0.21 20.28
N CYS C 35 0.22 -1.09 19.30
CA CYS C 35 -0.46 -0.79 18.05
C CYS C 35 -1.97 -0.74 18.21
N LYS C 36 -2.61 0.22 17.54
CA LYS C 36 -4.07 0.34 17.58
C LYS C 36 -4.78 -0.19 16.31
N SER C 37 -4.16 0.02 15.15
CA SER C 37 -4.70 -0.45 13.86
C SER C 37 -3.80 -1.55 13.27
N CYS C 38 -4.27 -2.79 13.33
CA CYS C 38 -3.43 -3.94 12.98
C CYS C 38 -4.14 -4.94 12.08
N LEU C 39 -3.72 -5.02 10.82
CA LEU C 39 -4.30 -5.95 9.85
C LEU C 39 -3.50 -7.27 9.83
N CYS C 40 -4.21 -8.41 9.77
CA CYS C 40 -3.59 -9.74 9.69
C CYS C 40 -4.17 -10.59 8.56
N THR C 41 -3.33 -11.34 7.86
CA THR C 41 -3.76 -12.41 6.96
C THR C 41 -4.44 -13.50 7.79
N ARG C 42 -5.30 -14.31 7.16
CA ARG C 42 -6.10 -15.30 7.90
C ARG C 42 -5.57 -16.75 7.86
N SER C 43 -4.25 -16.86 7.95
CA SER C 43 -3.53 -18.13 7.94
C SER C 43 -3.05 -18.50 9.35
N PHE C 44 -2.55 -19.73 9.53
CA PHE C 44 -1.78 -20.12 10.72
C PHE C 44 -0.29 -20.30 10.40
N PRO C 45 0.61 -19.54 11.05
CA PRO C 45 0.38 -18.34 11.85
C PRO C 45 -0.09 -17.16 11.00
N PRO C 46 -0.72 -16.15 11.62
CA PRO C 46 -1.09 -14.98 10.83
C PRO C 46 0.11 -14.13 10.50
N GLN C 47 -0.03 -13.35 9.44
CA GLN C 47 0.97 -12.35 9.09
C GLN C 47 0.36 -10.98 9.32
N CYS C 48 0.84 -10.28 10.35
CA CYS C 48 0.22 -9.06 10.83
C CYS C 48 1.07 -7.80 10.60
N ARG C 49 0.39 -6.68 10.38
CA ARG C 49 1.04 -5.38 10.20
C ARG C 49 0.35 -4.35 11.07
N CYS C 50 1.13 -3.43 11.62
CA CYS C 50 0.57 -2.27 12.30
C CYS C 50 0.52 -1.09 11.33
N TYR C 51 -0.69 -0.64 11.00
CA TYR C 51 -0.85 0.47 10.08
C TYR C 51 -1.12 1.81 10.78
N ASP C 52 -0.70 1.91 12.05
CA ASP C 52 -0.71 3.19 12.77
C ASP C 52 0.35 4.11 12.21
N ILE C 53 0.06 5.41 12.16
CA ILE C 53 1.04 6.45 11.81
C ILE C 53 1.33 7.33 13.02
N THR C 54 2.60 7.53 13.33
CA THR C 54 3.02 8.23 14.55
C THR C 54 4.10 9.29 14.26
N ASP C 55 4.63 9.88 15.33
CA ASP C 55 5.76 10.81 15.28
C ASP C 55 7.08 10.07 15.15
N PHE C 56 7.28 9.07 16.02
CA PHE C 56 8.53 8.32 16.15
C PHE C 56 8.46 7.00 15.38
N CYS C 57 9.30 6.01 15.74
CA CYS C 57 9.50 4.88 14.82
C CYS C 57 8.93 3.45 15.02
N TYR C 58 9.34 2.60 15.98
CA TYR C 58 10.29 2.81 17.10
C TYR C 58 11.70 2.26 16.74
N PRO C 59 12.53 1.92 17.76
CA PRO C 59 13.85 1.35 17.47
C PRO C 59 13.87 -0.14 17.08
N SER C 60 15.01 -0.60 16.56
CA SER C 60 15.24 -2.00 16.18
C SER C 60 16.39 -2.62 16.96
#